data_7X8D
#
_entry.id   7X8D
#
_cell.length_a   76.969
_cell.length_b   84.180
_cell.length_c   62.075
_cell.angle_alpha   90.00
_cell.angle_beta   100.10
_cell.angle_gamma   90.00
#
_symmetry.space_group_name_H-M   'C 1 2 1'
#
loop_
_entity.id
_entity.type
_entity.pdbx_description
1 polymer '4-hydroxyphenylpyruvate dioxygenase'
2 non-polymer 'COBALT (II) ION'
3 non-polymer '3-PHENYLPYRUVIC ACID'
4 water water
#
_entity_poly.entity_id   1
_entity_poly.type   'polypeptide(L)'
_entity_poly.pdbx_seq_one_letter_code
;GSHMVRKNPKSDKFKVKRFHHIEFWCGDATNVARRFSWGLGMRFSAKSDLSTGNMVHASYLLTSGDLRFLFTAPYSPSLS
AGEIKPTTTASIPSFDHGSCRSFFSSHGLGVRAVAIEVEDAESAFSISVANGAIPSSPPIVLNEAVTIAEVKLYGDVVLR
YVSYKAEDTEKSEFLPGFERVEDASSFPLDYGIRRLDHAVGNVPELGPALTYVAGFTGFHQFAEFTADDVGTAESGLNSA
VLASNDEMVLLPINEPVHGTKRKSQIQTYLEHNEGAGLQHLALMSEDIFRTLREMRKRSSIGGFDFMPSPPPTYYQNLKK
RVGDVLSDDQIKECEELGILVDRDDQGTLLQIFTKPLGDRPTIFIEIIQRVGCMMKDEEGKAYQSGGCGGFGKGNFSELF
KSIEEYEKTLEAKQLVG
;
_entity_poly.pdbx_strand_id   A
#
loop_
_chem_comp.id
_chem_comp.type
_chem_comp.name
_chem_comp.formula
CO non-polymer 'COBALT (II) ION' 'Co 2'
PPY non-polymer '3-PHENYLPYRUVIC ACID' 'C9 H8 O3'
#
# COMPACT_ATOMS: atom_id res chain seq x y z
N LYS A 7 1.29 -11.90 -21.79
CA LYS A 7 2.65 -12.41 -21.81
C LYS A 7 3.42 -12.02 -20.53
N ASN A 8 3.89 -13.03 -19.80
CA ASN A 8 4.64 -12.83 -18.55
C ASN A 8 5.94 -13.60 -18.71
N PRO A 9 7.09 -12.93 -18.91
CA PRO A 9 8.34 -13.67 -19.15
C PRO A 9 8.93 -14.34 -17.92
N LYS A 10 8.39 -14.12 -16.72
CA LYS A 10 8.89 -14.73 -15.48
C LYS A 10 10.39 -14.44 -15.29
N SER A 11 10.73 -13.15 -15.28
CA SER A 11 12.12 -12.72 -15.32
C SER A 11 12.65 -12.22 -13.97
N ASP A 12 11.94 -12.51 -12.87
CA ASP A 12 12.39 -12.14 -11.53
C ASP A 12 13.84 -12.57 -11.31
N LYS A 13 14.70 -11.62 -10.94
CA LYS A 13 16.11 -11.93 -10.73
C LYS A 13 16.38 -12.58 -9.38
N PHE A 14 15.37 -12.71 -8.53
CA PHE A 14 15.47 -13.45 -7.28
C PHE A 14 14.06 -13.88 -6.88
N LYS A 15 13.99 -14.84 -5.96
CA LYS A 15 12.70 -15.44 -5.64
C LYS A 15 11.93 -14.52 -4.70
N VAL A 16 10.77 -14.04 -5.16
CA VAL A 16 9.88 -13.16 -4.41
C VAL A 16 8.66 -13.97 -3.99
N LYS A 17 8.19 -13.76 -2.76
CA LYS A 17 7.03 -14.49 -2.27
C LYS A 17 5.81 -13.59 -2.29
N ARG A 18 5.46 -12.94 -1.18
CA ARG A 18 4.33 -12.02 -1.22
C ARG A 18 4.68 -10.71 -0.56
N PHE A 19 3.76 -9.76 -0.66
CA PHE A 19 3.84 -8.57 0.18
C PHE A 19 3.91 -9.00 1.64
N HIS A 20 4.78 -8.34 2.42
CA HIS A 20 4.94 -8.68 3.82
C HIS A 20 4.37 -7.64 4.76
N HIS A 21 4.76 -6.38 4.62
CA HIS A 21 4.18 -5.33 5.45
C HIS A 21 4.40 -3.98 4.77
N ILE A 22 3.68 -2.99 5.28
CA ILE A 22 3.85 -1.60 4.86
C ILE A 22 4.20 -0.83 6.12
N GLU A 23 5.25 -0.01 6.06
CA GLU A 23 5.66 0.78 7.22
C GLU A 23 5.41 2.27 6.98
N PHE A 24 4.62 2.88 7.87
CA PHE A 24 4.40 4.31 7.89
C PHE A 24 5.41 4.97 8.82
N TRP A 25 6.01 6.08 8.38
CA TRP A 25 6.81 6.90 9.27
C TRP A 25 5.95 8.06 9.76
N CYS A 26 5.89 8.21 11.08
CA CYS A 26 4.92 9.08 11.77
C CYS A 26 5.65 10.04 12.68
N GLY A 27 4.92 11.05 13.15
CA GLY A 27 5.41 11.84 14.25
C GLY A 27 5.09 11.22 15.59
N ASP A 28 3.87 10.71 15.69
CA ASP A 28 3.41 9.97 16.87
C ASP A 28 2.76 8.69 16.39
N ALA A 29 3.46 7.57 16.60
CA ALA A 29 2.96 6.29 16.09
C ALA A 29 1.69 5.86 16.80
N THR A 30 1.58 6.15 18.11
CA THR A 30 0.43 5.72 18.89
C THR A 30 -0.87 6.25 18.31
N ASN A 31 -0.93 7.56 18.03
CA ASN A 31 -2.20 8.14 17.59
C ASN A 31 -2.56 7.70 16.18
N VAL A 32 -1.56 7.58 15.30
CA VAL A 32 -1.88 7.12 13.95
C VAL A 32 -2.34 5.67 13.98
N ALA A 33 -1.64 4.83 14.76
CA ALA A 33 -2.03 3.42 14.82
C ALA A 33 -3.44 3.25 15.39
N ARG A 34 -3.75 3.95 16.48
CA ARG A 34 -5.09 3.82 17.05
C ARG A 34 -6.17 4.27 16.07
N ARG A 35 -5.93 5.39 15.38
CA ARG A 35 -6.89 5.86 14.37
C ARG A 35 -7.08 4.84 13.27
N PHE A 36 -5.98 4.33 12.70
CA PHE A 36 -6.05 3.33 11.63
C PHE A 36 -6.73 2.05 12.11
N SER A 37 -6.45 1.62 13.33
CA SER A 37 -7.05 0.39 13.85
C SER A 37 -8.58 0.48 13.84
N TRP A 38 -9.12 1.57 14.38
CA TRP A 38 -10.56 1.77 14.42
C TRP A 38 -11.15 1.98 13.03
N GLY A 39 -10.45 2.76 12.20
CA GLY A 39 -10.99 3.12 10.90
C GLY A 39 -11.04 1.95 9.92
N LEU A 40 -10.07 1.02 10.02
CA LEU A 40 -9.91 -0.06 9.05
C LEU A 40 -10.25 -1.43 9.61
N GLY A 41 -10.43 -1.53 10.93
CA GLY A 41 -10.73 -2.81 11.56
C GLY A 41 -9.52 -3.72 11.61
N MET A 42 -8.39 -3.19 12.04
CA MET A 42 -7.17 -3.96 12.21
C MET A 42 -6.88 -4.09 13.68
N ARG A 43 -6.36 -5.24 14.08
CA ARG A 43 -6.03 -5.48 15.48
C ARG A 43 -4.58 -5.13 15.76
N PHE A 44 -4.33 -4.66 16.98
CA PHE A 44 -2.97 -4.48 17.47
C PHE A 44 -2.36 -5.86 17.74
N SER A 45 -1.26 -6.19 17.07
CA SER A 45 -0.71 -7.52 17.22
C SER A 45 0.74 -7.58 17.70
N ALA A 46 1.52 -6.53 17.54
CA ALA A 46 2.91 -6.57 18.00
C ALA A 46 3.37 -5.16 18.30
N LYS A 47 4.38 -5.05 19.15
CA LYS A 47 4.95 -3.75 19.50
C LYS A 47 6.44 -3.87 19.74
N SER A 48 7.15 -2.77 19.48
CA SER A 48 8.55 -2.61 19.86
C SER A 48 8.69 -1.15 20.29
N ASP A 49 8.95 -0.93 21.57
CA ASP A 49 8.95 0.43 22.10
C ASP A 49 9.66 0.40 23.45
N LEU A 50 9.51 1.48 24.23
CA LEU A 50 10.21 1.55 25.52
C LEU A 50 9.92 0.34 26.39
N SER A 51 8.68 -0.14 26.37
CA SER A 51 8.31 -1.26 27.24
C SER A 51 8.96 -2.57 26.80
N THR A 52 9.50 -2.64 25.58
CA THR A 52 10.22 -3.82 25.12
C THR A 52 11.73 -3.58 25.08
N GLY A 53 12.20 -2.45 25.62
CA GLY A 53 13.61 -2.14 25.67
C GLY A 53 14.14 -1.32 24.52
N ASN A 54 13.29 -0.92 23.58
CA ASN A 54 13.70 -0.12 22.44
C ASN A 54 13.72 1.35 22.85
N MET A 55 14.92 1.93 22.93
CA MET A 55 15.12 3.33 23.32
C MET A 55 15.22 4.26 22.12
N VAL A 56 15.01 3.74 20.92
CA VAL A 56 15.27 4.46 19.68
C VAL A 56 13.97 4.85 18.99
N HIS A 57 13.10 3.87 18.73
CA HIS A 57 11.85 4.15 18.03
C HIS A 57 10.70 3.39 18.67
N ALA A 58 9.49 3.96 18.54
CA ALA A 58 8.26 3.28 18.89
C ALA A 58 7.66 2.71 17.61
N SER A 59 7.36 1.41 17.62
CA SER A 59 6.78 0.77 16.44
C SER A 59 5.62 -0.11 16.86
N TYR A 60 4.47 0.06 16.20
CA TYR A 60 3.27 -0.70 16.51
C TYR A 60 2.73 -1.36 15.24
N LEU A 61 2.46 -2.65 15.32
CA LEU A 61 1.98 -3.44 14.18
C LEU A 61 0.48 -3.71 14.30
N LEU A 62 -0.26 -3.35 13.25
CA LEU A 62 -1.67 -3.72 13.10
C LEU A 62 -1.79 -4.82 12.06
N THR A 63 -2.70 -5.75 12.27
CA THR A 63 -2.90 -6.81 11.29
C THR A 63 -4.39 -6.97 10.99
N SER A 64 -4.69 -7.32 9.74
CA SER A 64 -6.02 -7.80 9.38
C SER A 64 -5.81 -8.90 8.35
N GLY A 65 -6.11 -10.14 8.72
CA GLY A 65 -5.73 -11.25 7.86
C GLY A 65 -4.23 -11.27 7.66
N ASP A 66 -3.80 -11.22 6.40
CA ASP A 66 -2.38 -11.19 6.09
C ASP A 66 -1.87 -9.77 5.88
N LEU A 67 -2.73 -8.77 6.01
CA LEU A 67 -2.28 -7.38 5.89
C LEU A 67 -1.56 -6.94 7.16
N ARG A 68 -0.37 -6.36 7.01
CA ARG A 68 0.42 -5.90 8.15
C ARG A 68 0.79 -4.44 7.93
N PHE A 69 0.29 -3.56 8.80
CA PHE A 69 0.63 -2.14 8.80
C PHE A 69 1.49 -1.86 10.02
N LEU A 70 2.68 -1.31 9.80
CA LEU A 70 3.59 -0.95 10.88
C LEU A 70 3.66 0.57 10.96
N PHE A 71 3.56 1.12 12.18
CA PHE A 71 3.62 2.56 12.42
C PHE A 71 4.80 2.85 13.34
N THR A 72 5.72 3.70 12.87
CA THR A 72 6.97 3.93 13.58
C THR A 72 7.22 5.42 13.73
N ALA A 73 7.70 5.81 14.89
CA ALA A 73 8.07 7.21 15.19
C ALA A 73 9.32 7.23 16.05
N PRO A 74 10.15 8.26 15.91
CA PRO A 74 11.38 8.32 16.71
C PRO A 74 11.13 8.88 18.11
N TYR A 75 11.86 8.33 19.08
CA TYR A 75 11.96 8.94 20.40
C TYR A 75 12.98 10.07 20.36
N SER A 76 13.12 10.80 21.46
CA SER A 76 14.23 11.74 21.58
C SER A 76 15.55 11.01 21.35
N PRO A 77 16.44 11.52 20.50
CA PRO A 77 17.77 10.90 20.36
C PRO A 77 18.51 10.77 21.68
N SER A 78 18.21 11.62 22.66
CA SER A 78 18.95 11.58 23.92
C SER A 78 18.78 10.26 24.65
N LEU A 79 17.67 9.55 24.44
CA LEU A 79 17.47 8.27 25.13
C LEU A 79 18.51 7.25 24.72
N SER A 80 19.05 7.36 23.51
CA SER A 80 19.93 6.35 22.93
C SER A 80 21.29 6.95 22.59
N ALA A 81 21.63 8.08 23.19
CA ALA A 81 22.82 8.82 22.77
C ALA A 81 24.09 8.04 23.02
N GLY A 82 24.10 7.15 24.02
CA GLY A 82 25.26 6.34 24.27
C GLY A 82 25.46 5.21 23.31
N GLU A 83 24.38 4.77 22.65
CA GLU A 83 24.44 3.61 21.77
C GLU A 83 25.23 3.90 20.51
N ILE A 84 25.79 2.84 19.94
CA ILE A 84 26.30 2.84 18.57
C ILE A 84 25.57 1.71 17.85
N LYS A 85 25.75 1.63 16.54
CA LYS A 85 25.02 0.61 15.80
C LYS A 85 25.28 -0.80 16.35
N PRO A 86 26.51 -1.20 16.67
CA PRO A 86 26.73 -2.51 17.32
C PRO A 86 25.97 -2.73 18.62
N THR A 87 25.61 -1.67 19.37
CA THR A 87 24.91 -1.82 20.65
C THR A 87 23.48 -1.29 20.59
N THR A 88 22.89 -1.15 19.41
CA THR A 88 21.58 -0.50 19.31
C THR A 88 20.49 -1.31 20.00
N THR A 89 19.52 -0.58 20.58
CA THR A 89 18.29 -1.20 21.06
C THR A 89 17.15 -1.12 20.05
N ALA A 90 17.38 -0.49 18.88
CA ALA A 90 16.36 -0.50 17.83
C ALA A 90 16.11 -1.92 17.35
N SER A 91 14.84 -2.25 17.16
CA SER A 91 14.48 -3.53 16.59
C SER A 91 14.54 -3.51 15.08
N ILE A 92 14.49 -2.34 14.48
CA ILE A 92 14.60 -2.21 13.03
C ILE A 92 15.92 -1.50 12.74
N PRO A 93 16.98 -2.24 12.43
CA PRO A 93 18.32 -1.63 12.40
C PRO A 93 18.48 -0.58 11.32
N SER A 94 17.64 -0.59 10.28
CA SER A 94 17.74 0.46 9.28
C SER A 94 17.20 1.81 9.77
N PHE A 95 16.50 1.85 10.89
CA PHE A 95 15.95 3.11 11.36
C PHE A 95 17.03 4.13 11.70
N ASP A 96 16.76 5.38 11.37
CA ASP A 96 17.65 6.49 11.69
C ASP A 96 16.83 7.70 12.09
N HIS A 97 17.12 8.27 13.27
CA HIS A 97 16.36 9.42 13.76
C HIS A 97 16.32 10.54 12.73
N GLY A 98 17.48 10.92 12.19
CA GLY A 98 17.53 12.02 11.25
C GLY A 98 16.77 11.73 9.97
N SER A 99 16.91 10.52 9.43
CA SER A 99 16.16 10.15 8.22
C SER A 99 14.66 10.22 8.47
N CYS A 100 14.24 9.73 9.63
CA CYS A 100 12.82 9.69 9.91
C CYS A 100 12.25 11.11 10.08
N ARG A 101 12.94 11.96 10.83
CA ARG A 101 12.47 13.32 11.00
C ARG A 101 12.50 14.09 9.68
N SER A 102 13.54 13.86 8.87
CA SER A 102 13.62 14.52 7.57
C SER A 102 12.50 14.05 6.64
N PHE A 103 12.24 12.74 6.65
CA PHE A 103 11.15 12.19 5.86
C PHE A 103 9.82 12.84 6.24
N PHE A 104 9.54 12.88 7.54
CA PHE A 104 8.23 13.37 7.97
C PHE A 104 8.11 14.87 7.75
N SER A 105 9.18 15.64 8.01
CA SER A 105 9.09 17.06 7.73
C SER A 105 8.90 17.32 6.24
N SER A 106 9.51 16.50 5.39
CA SER A 106 9.41 16.70 3.94
C SER A 106 8.05 16.27 3.40
N HIS A 107 7.56 15.11 3.84
CA HIS A 107 6.42 14.47 3.21
C HIS A 107 5.16 14.46 4.06
N GLY A 108 5.26 14.69 5.37
CA GLY A 108 4.17 14.41 6.27
C GLY A 108 4.00 12.90 6.39
N LEU A 109 2.87 12.51 6.98
CA LEU A 109 2.57 11.10 7.20
C LEU A 109 2.53 10.33 5.89
N GLY A 110 3.27 9.24 5.82
CA GLY A 110 3.32 8.48 4.58
C GLY A 110 4.08 7.19 4.74
N VAL A 111 4.13 6.44 3.65
CA VAL A 111 4.78 5.13 3.61
C VAL A 111 6.28 5.31 3.37
N ARG A 112 7.09 4.79 4.30
CA ARG A 112 8.54 4.75 4.12
C ARG A 112 8.98 3.46 3.44
N ALA A 113 8.37 2.33 3.79
CA ALA A 113 8.83 1.04 3.28
C ALA A 113 7.68 0.20 2.74
N VAL A 114 7.89 -0.34 1.54
CA VAL A 114 7.06 -1.38 0.97
C VAL A 114 7.86 -2.66 1.12
N ALA A 115 7.43 -3.56 2.01
CA ALA A 115 8.23 -4.75 2.33
C ALA A 115 7.64 -5.98 1.68
N ILE A 116 8.51 -6.74 1.01
CA ILE A 116 8.13 -8.01 0.37
C ILE A 116 8.95 -9.13 0.99
N GLU A 117 8.33 -10.30 1.15
CA GLU A 117 9.08 -11.46 1.63
C GLU A 117 9.78 -12.09 0.45
N VAL A 118 11.04 -12.46 0.66
CA VAL A 118 11.85 -13.13 -0.35
C VAL A 118 12.47 -14.37 0.26
N GLU A 119 13.10 -15.18 -0.60
CA GLU A 119 13.76 -16.39 -0.10
C GLU A 119 15.01 -16.05 0.69
N ASP A 120 15.78 -15.07 0.23
CA ASP A 120 17.06 -14.74 0.83
C ASP A 120 17.26 -13.23 0.65
N ALA A 121 17.04 -12.48 1.73
CA ALA A 121 17.14 -11.03 1.65
C ALA A 121 18.55 -10.58 1.30
N GLU A 122 19.57 -11.30 1.77
CA GLU A 122 20.94 -10.93 1.43
C GLU A 122 21.19 -11.12 -0.07
N SER A 123 20.74 -12.25 -0.62
CA SER A 123 20.87 -12.46 -2.05
C SER A 123 20.06 -11.43 -2.83
N ALA A 124 18.80 -11.20 -2.43
CA ALA A 124 17.99 -10.21 -3.13
C ALA A 124 18.67 -8.84 -3.15
N PHE A 125 19.28 -8.44 -2.03
CA PHE A 125 19.94 -7.14 -1.97
C PHE A 125 21.13 -7.11 -2.93
N SER A 126 21.96 -8.14 -2.89
CA SER A 126 23.16 -8.17 -3.73
C SER A 126 22.80 -8.17 -5.20
N ILE A 127 21.87 -9.05 -5.61
CA ILE A 127 21.43 -9.08 -7.00
C ILE A 127 20.80 -7.75 -7.40
N SER A 128 19.98 -7.16 -6.52
CA SER A 128 19.37 -5.88 -6.88
C SER A 128 20.42 -4.80 -7.12
N VAL A 129 21.39 -4.66 -6.20
CA VAL A 129 22.37 -3.59 -6.34
C VAL A 129 23.29 -3.86 -7.51
N ALA A 130 23.60 -5.14 -7.75
CA ALA A 130 24.37 -5.50 -8.95
C ALA A 130 23.65 -5.10 -10.22
N ASN A 131 22.32 -4.98 -10.16
CA ASN A 131 21.51 -4.63 -11.31
C ASN A 131 20.95 -3.21 -11.23
N GLY A 132 21.62 -2.32 -10.49
CA GLY A 132 21.32 -0.91 -10.55
C GLY A 132 20.56 -0.34 -9.36
N ALA A 133 20.11 -1.18 -8.43
CA ALA A 133 19.40 -0.66 -7.26
C ALA A 133 20.32 0.22 -6.41
N ILE A 134 19.78 1.34 -5.95
CA ILE A 134 20.49 2.25 -5.04
C ILE A 134 20.34 1.69 -3.63
N PRO A 135 21.43 1.29 -2.98
CA PRO A 135 21.32 0.71 -1.65
C PRO A 135 20.82 1.72 -0.64
N SER A 136 19.99 1.25 0.27
CA SER A 136 19.52 2.10 1.35
C SER A 136 19.95 1.59 2.71
N SER A 137 19.81 0.31 2.97
CA SER A 137 20.30 -0.31 4.19
C SER A 137 20.78 -1.71 3.85
N PRO A 138 22.02 -2.05 4.21
CA PRO A 138 22.58 -3.34 3.82
C PRO A 138 21.92 -4.47 4.59
N PRO A 139 22.09 -5.73 4.15
CA PRO A 139 21.43 -6.84 4.86
C PRO A 139 21.94 -6.93 6.28
N ILE A 140 21.01 -7.16 7.20
CA ILE A 140 21.31 -7.33 8.62
C ILE A 140 20.53 -8.53 9.10
N VAL A 141 21.20 -9.44 9.81
CA VAL A 141 20.59 -10.64 10.33
C VAL A 141 20.18 -10.39 11.77
N LEU A 142 18.90 -10.57 12.06
CA LEU A 142 18.33 -10.29 13.37
C LEU A 142 18.16 -11.59 14.14
N ASN A 143 18.85 -11.70 15.27
CA ASN A 143 18.74 -12.87 16.16
C ASN A 143 18.92 -14.17 15.40
N GLU A 144 19.78 -14.16 14.39
CA GLU A 144 20.10 -15.35 13.60
C GLU A 144 18.84 -15.99 13.02
N ALA A 145 17.81 -15.19 12.78
CA ALA A 145 16.51 -15.74 12.41
C ALA A 145 15.86 -15.04 11.23
N VAL A 146 16.00 -13.72 11.14
CA VAL A 146 15.39 -12.94 10.07
C VAL A 146 16.45 -12.04 9.46
N THR A 147 16.41 -11.89 8.15
CA THR A 147 17.30 -10.99 7.45
C THR A 147 16.51 -9.89 6.78
N ILE A 148 16.99 -8.68 6.90
CA ILE A 148 16.31 -7.48 6.43
C ILE A 148 17.30 -6.62 5.63
N ALA A 149 16.87 -6.13 4.47
CA ALA A 149 17.67 -5.26 3.63
C ALA A 149 16.75 -4.33 2.86
N GLU A 150 17.29 -3.19 2.43
CA GLU A 150 16.49 -2.13 1.81
C GLU A 150 17.22 -1.47 0.65
N VAL A 151 16.48 -1.23 -0.44
CA VAL A 151 16.98 -0.46 -1.56
C VAL A 151 15.97 0.63 -1.87
N LYS A 152 16.42 1.67 -2.57
CA LYS A 152 15.53 2.77 -2.92
C LYS A 152 14.54 2.33 -4.00
N LEU A 153 13.27 2.69 -3.81
CA LEU A 153 12.22 2.37 -4.77
C LEU A 153 11.85 3.59 -5.62
N TYR A 154 11.34 4.65 -4.98
CA TYR A 154 11.14 5.95 -5.61
C TYR A 154 11.03 6.99 -4.50
N GLY A 155 11.44 8.21 -4.82
CA GLY A 155 11.48 9.25 -3.80
C GLY A 155 12.25 8.78 -2.59
N ASP A 156 11.65 8.93 -1.41
CA ASP A 156 12.22 8.44 -0.17
C ASP A 156 11.55 7.17 0.32
N VAL A 157 10.89 6.45 -0.58
CA VAL A 157 10.30 5.15 -0.26
C VAL A 157 11.31 4.07 -0.58
N VAL A 158 11.45 3.09 0.31
CA VAL A 158 12.35 1.98 0.09
C VAL A 158 11.55 0.70 -0.18
N LEU A 159 12.12 -0.16 -1.02
CA LEU A 159 11.66 -1.53 -1.16
C LEU A 159 12.44 -2.37 -0.17
N ARG A 160 11.75 -2.98 0.77
CA ARG A 160 12.36 -3.69 1.88
C ARG A 160 12.26 -5.19 1.64
N TYR A 161 13.40 -5.89 1.70
CA TYR A 161 13.41 -7.34 1.55
C TYR A 161 13.46 -7.98 2.93
N VAL A 162 12.60 -8.97 3.17
CA VAL A 162 12.57 -9.74 4.42
C VAL A 162 12.60 -11.21 4.06
N SER A 163 13.48 -11.98 4.71
CA SER A 163 13.56 -13.42 4.54
C SER A 163 13.68 -14.08 5.89
N TYR A 164 13.04 -15.23 6.05
CA TYR A 164 13.02 -15.95 7.32
C TYR A 164 13.67 -17.32 7.15
N LYS A 165 14.51 -17.69 8.11
CA LYS A 165 15.09 -19.04 8.08
C LYS A 165 13.99 -20.09 8.22
N ALA A 166 13.12 -19.93 9.21
CA ALA A 166 12.01 -20.87 9.39
C ALA A 166 10.74 -20.35 8.74
N GLU A 173 5.58 -12.91 16.13
CA GLU A 173 6.55 -13.54 15.25
C GLU A 173 6.97 -12.59 14.13
N PHE A 174 6.58 -11.32 14.26
CA PHE A 174 6.84 -10.33 13.22
C PHE A 174 8.33 -10.20 12.94
N LEU A 175 9.06 -9.55 13.85
CA LEU A 175 10.50 -9.42 13.79
C LEU A 175 11.04 -9.69 15.18
N PRO A 176 12.28 -10.17 15.30
CA PRO A 176 12.89 -10.29 16.63
C PRO A 176 12.90 -8.94 17.33
N GLY A 177 12.66 -8.96 18.64
CA GLY A 177 12.57 -7.75 19.40
C GLY A 177 11.18 -7.17 19.50
N PHE A 178 10.26 -7.59 18.63
CA PHE A 178 8.86 -7.24 18.80
C PHE A 178 8.21 -8.23 19.76
N GLU A 179 7.26 -7.73 20.55
CA GLU A 179 6.47 -8.57 21.43
C GLU A 179 5.02 -8.58 20.97
N ARG A 180 4.39 -9.76 21.02
CA ARG A 180 2.94 -9.84 20.84
C ARG A 180 2.27 -9.07 21.97
N VAL A 181 1.20 -8.37 21.65
CA VAL A 181 0.62 -7.44 22.62
C VAL A 181 -0.35 -8.17 23.54
N GLU A 182 -0.43 -7.68 24.78
CA GLU A 182 -1.40 -8.17 25.75
C GLU A 182 -2.80 -8.13 25.16
N ASP A 183 -3.42 -9.30 25.06
CA ASP A 183 -4.72 -9.38 24.39
C ASP A 183 -5.80 -8.58 25.11
N ALA A 184 -5.55 -8.11 26.33
CA ALA A 184 -6.42 -7.12 26.94
C ALA A 184 -6.37 -5.80 26.18
N SER A 185 -5.20 -5.47 25.63
CA SER A 185 -5.04 -4.31 24.76
C SER A 185 -5.30 -4.62 23.30
N SER A 186 -5.60 -5.88 22.97
CA SER A 186 -5.78 -6.33 21.59
C SER A 186 -7.24 -6.75 21.42
N PHE A 187 -8.04 -5.84 20.83
CA PHE A 187 -9.46 -6.05 20.53
C PHE A 187 -9.60 -6.63 19.12
N PRO A 188 -10.36 -7.71 18.94
CA PRO A 188 -10.35 -8.44 17.66
C PRO A 188 -11.25 -7.79 16.61
N LEU A 189 -10.96 -6.52 16.29
CA LEU A 189 -11.64 -5.84 15.19
C LEU A 189 -11.35 -6.56 13.88
N ASP A 190 -12.35 -6.56 12.99
CA ASP A 190 -12.19 -7.14 11.67
C ASP A 190 -13.35 -6.70 10.78
N TYR A 191 -13.09 -5.87 9.77
CA TYR A 191 -14.12 -5.46 8.83
C TYR A 191 -14.01 -6.18 7.50
N GLY A 192 -13.18 -7.22 7.40
CA GLY A 192 -13.08 -8.02 6.21
C GLY A 192 -11.82 -7.85 5.39
N ILE A 193 -10.91 -6.97 5.75
CA ILE A 193 -9.72 -6.79 4.95
C ILE A 193 -8.74 -7.94 5.18
N ARG A 194 -8.10 -8.40 4.11
CA ARG A 194 -7.33 -9.63 4.22
C ARG A 194 -5.89 -9.56 3.70
N ARG A 195 -5.59 -8.70 2.72
CA ARG A 195 -4.21 -8.62 2.27
C ARG A 195 -4.00 -7.36 1.43
N LEU A 196 -2.73 -7.00 1.24
CA LEU A 196 -2.37 -5.92 0.33
C LEU A 196 -2.40 -6.44 -1.11
N ASP A 197 -3.24 -5.84 -1.94
CA ASP A 197 -3.28 -6.26 -3.34
C ASP A 197 -2.19 -5.58 -4.17
N HIS A 198 -2.04 -4.26 -4.04
CA HIS A 198 -0.99 -3.56 -4.77
C HIS A 198 -0.70 -2.23 -4.09
N ALA A 199 0.43 -1.64 -4.43
CA ALA A 199 0.91 -0.39 -3.86
C ALA A 199 1.36 0.51 -5.00
N VAL A 200 0.83 1.74 -5.04
CA VAL A 200 0.94 2.62 -6.21
C VAL A 200 1.85 3.79 -5.85
N GLY A 201 2.83 4.08 -6.73
CA GLY A 201 3.72 5.21 -6.54
C GLY A 201 3.48 6.30 -7.57
N ASN A 202 3.77 7.55 -7.18
CA ASN A 202 3.70 8.70 -8.08
C ASN A 202 5.10 9.23 -8.32
N VAL A 203 5.45 9.46 -9.58
CA VAL A 203 6.78 9.96 -9.94
C VAL A 203 6.61 11.10 -10.95
N PRO A 204 7.63 11.96 -11.07
CA PRO A 204 7.58 12.97 -12.14
C PRO A 204 7.69 12.39 -13.54
N GLU A 205 8.48 11.33 -13.74
CA GLU A 205 8.70 10.74 -15.05
C GLU A 205 8.57 9.22 -14.97
N LEU A 206 7.56 8.69 -15.67
CA LEU A 206 7.25 7.26 -15.58
C LEU A 206 8.35 6.41 -16.19
N GLY A 207 8.86 6.81 -17.37
CA GLY A 207 9.84 6.02 -18.09
C GLY A 207 11.05 5.62 -17.28
N PRO A 208 11.77 6.61 -16.75
CA PRO A 208 12.98 6.30 -15.95
C PRO A 208 12.67 5.55 -14.68
N ALA A 209 11.51 5.78 -14.07
CA ALA A 209 11.15 5.02 -12.88
C ALA A 209 10.96 3.55 -13.21
N LEU A 210 10.24 3.26 -14.30
CA LEU A 210 10.03 1.87 -14.69
C LEU A 210 11.34 1.19 -15.02
N THR A 211 12.20 1.86 -15.77
CA THR A 211 13.47 1.28 -16.16
C THR A 211 14.31 0.93 -14.95
N TYR A 212 14.37 1.82 -13.97
CA TYR A 212 15.12 1.58 -12.74
C TYR A 212 14.59 0.37 -11.99
N VAL A 213 13.29 0.36 -11.67
CA VAL A 213 12.75 -0.70 -10.81
C VAL A 213 12.71 -2.03 -11.55
N ALA A 214 12.21 -2.04 -12.78
CA ALA A 214 12.28 -3.28 -13.57
C ALA A 214 13.71 -3.72 -13.77
N GLY A 215 14.64 -2.75 -13.81
CA GLY A 215 16.05 -3.07 -13.99
C GLY A 215 16.60 -3.96 -12.89
N PHE A 216 16.37 -3.58 -11.62
CA PHE A 216 16.98 -4.32 -10.53
C PHE A 216 16.14 -5.48 -9.99
N THR A 217 14.83 -5.52 -10.27
CA THR A 217 14.02 -6.64 -9.82
C THR A 217 13.84 -7.73 -10.87
N GLY A 218 13.79 -7.34 -12.14
CA GLY A 218 13.30 -8.26 -13.14
C GLY A 218 11.80 -8.36 -13.21
N PHE A 219 11.07 -7.49 -12.51
CA PHE A 219 9.62 -7.46 -12.64
C PHE A 219 9.25 -7.06 -14.06
N HIS A 220 8.18 -7.68 -14.56
CA HIS A 220 7.71 -7.41 -15.92
C HIS A 220 6.49 -6.49 -15.90
N GLN A 221 6.19 -5.92 -17.05
CA GLN A 221 5.00 -5.07 -17.16
C GLN A 221 3.76 -5.94 -17.23
N PHE A 222 2.79 -5.64 -16.36
CA PHE A 222 1.55 -6.40 -16.28
C PHE A 222 0.61 -5.98 -17.41
N ALA A 223 0.04 -6.97 -18.09
CA ALA A 223 -0.82 -6.72 -19.24
C ALA A 223 -2.16 -6.13 -18.80
N GLU A 224 -2.49 -4.95 -19.31
CA GLU A 224 -3.73 -4.25 -18.99
C GLU A 224 -4.62 -4.18 -20.23
N PHE A 225 -5.92 -4.36 -20.01
CA PHE A 225 -6.98 -4.34 -21.04
C PHE A 225 -6.51 -4.86 -22.40
N GLU A 234 -8.28 10.40 -21.79
CA GLU A 234 -7.08 11.21 -21.86
C GLU A 234 -7.10 12.34 -20.83
N SER A 235 -6.92 12.00 -19.56
CA SER A 235 -7.02 13.00 -18.50
C SER A 235 -6.15 12.61 -17.32
N GLY A 236 -5.09 13.39 -17.09
CA GLY A 236 -4.41 13.41 -15.81
C GLY A 236 -3.08 12.70 -15.70
N LEU A 237 -2.97 11.52 -16.29
CA LEU A 237 -1.91 10.61 -15.87
C LEU A 237 -1.66 9.55 -16.91
N ASN A 238 -0.43 9.04 -16.92
CA ASN A 238 -0.10 7.75 -17.51
C ASN A 238 0.41 6.84 -16.40
N SER A 239 0.26 5.54 -16.60
CA SER A 239 0.77 4.59 -15.62
C SER A 239 1.12 3.28 -16.29
N ALA A 240 1.81 2.44 -15.52
CA ALA A 240 2.14 1.08 -15.90
C ALA A 240 2.34 0.29 -14.62
N VAL A 241 2.21 -1.02 -14.71
CA VAL A 241 2.24 -1.89 -13.53
C VAL A 241 3.39 -2.89 -13.68
N LEU A 242 4.26 -2.92 -12.68
CA LEU A 242 5.31 -3.93 -12.59
C LEU A 242 4.84 -5.08 -11.71
N ALA A 243 5.21 -6.31 -12.09
CA ALA A 243 4.71 -7.51 -11.43
C ALA A 243 5.80 -8.55 -11.25
N SER A 244 5.71 -9.30 -10.16
CA SER A 244 6.58 -10.43 -9.92
C SER A 244 6.13 -11.61 -10.79
N ASN A 245 6.82 -12.74 -10.62
CA ASN A 245 6.65 -13.89 -11.52
C ASN A 245 5.22 -14.42 -11.49
N ASP A 246 4.68 -14.67 -10.29
CA ASP A 246 3.29 -15.11 -10.16
C ASP A 246 2.32 -13.94 -10.10
N GLU A 247 2.81 -12.72 -10.31
CA GLU A 247 1.99 -11.51 -10.41
C GLU A 247 1.20 -11.26 -9.13
N MET A 248 1.77 -11.66 -7.99
CA MET A 248 1.16 -11.39 -6.70
C MET A 248 1.74 -10.15 -6.03
N VAL A 249 2.97 -9.77 -6.35
CA VAL A 249 3.51 -8.48 -5.96
C VAL A 249 3.31 -7.56 -7.15
N LEU A 250 2.51 -6.50 -6.95
CA LEU A 250 2.07 -5.62 -8.03
C LEU A 250 2.36 -4.19 -7.64
N LEU A 251 3.08 -3.47 -8.51
CA LEU A 251 3.57 -2.13 -8.20
C LEU A 251 3.24 -1.20 -9.37
N PRO A 252 2.04 -0.64 -9.41
CA PRO A 252 1.76 0.42 -10.38
C PRO A 252 2.51 1.69 -10.06
N ILE A 253 2.86 2.44 -11.12
CA ILE A 253 3.54 3.73 -11.01
C ILE A 253 2.85 4.72 -11.95
N ASN A 254 2.53 5.91 -11.43
CA ASN A 254 1.88 6.99 -12.18
C ASN A 254 2.84 8.13 -12.46
N GLU A 255 2.60 8.82 -13.57
CA GLU A 255 3.24 10.09 -13.87
C GLU A 255 2.17 11.10 -14.27
N PRO A 256 2.41 12.40 -14.06
CA PRO A 256 1.41 13.40 -14.45
C PRO A 256 1.39 13.62 -15.95
N VAL A 257 0.22 14.02 -16.45
CA VAL A 257 0.07 14.55 -17.81
C VAL A 257 -0.23 16.04 -17.68
N HIS A 258 0.63 16.87 -18.27
CA HIS A 258 0.57 18.31 -18.10
C HIS A 258 -0.20 18.97 -19.24
N GLY A 259 -0.82 20.11 -18.92
CA GLY A 259 -1.52 20.92 -19.90
C GLY A 259 -2.99 20.64 -20.04
N THR A 260 -3.58 19.86 -19.13
CA THR A 260 -4.98 19.48 -19.24
C THR A 260 -5.89 20.54 -18.63
N LYS A 261 -7.17 20.46 -18.97
CA LYS A 261 -8.18 21.34 -18.41
C LYS A 261 -8.13 21.33 -16.89
N ARG A 262 -8.48 20.18 -16.29
CA ARG A 262 -8.30 20.00 -14.87
C ARG A 262 -6.85 19.66 -14.56
N LYS A 263 -6.31 20.29 -13.52
CA LYS A 263 -4.92 20.05 -13.15
C LYS A 263 -4.74 18.59 -12.73
N SER A 264 -3.63 18.01 -13.16
CA SER A 264 -3.36 16.61 -12.85
C SER A 264 -3.23 16.39 -11.35
N GLN A 265 -4.04 15.47 -10.82
CA GLN A 265 -3.93 15.13 -9.41
C GLN A 265 -2.58 14.51 -9.08
N ILE A 266 -1.91 13.90 -10.06
CA ILE A 266 -0.55 13.41 -9.83
C ILE A 266 0.39 14.57 -9.56
N GLN A 267 0.22 15.67 -10.29
CA GLN A 267 1.04 16.85 -10.07
C GLN A 267 0.74 17.49 -8.73
N THR A 268 -0.54 17.55 -8.35
CA THR A 268 -0.89 18.03 -7.01
C THR A 268 -0.20 17.18 -5.96
N TYR A 269 -0.27 15.84 -6.09
CA TYR A 269 0.45 14.97 -5.17
C TYR A 269 1.92 15.36 -5.07
N LEU A 270 2.61 15.47 -6.20
CA LEU A 270 4.04 15.74 -6.19
C LEU A 270 4.35 17.06 -5.50
N GLU A 271 3.48 18.05 -5.67
CA GLU A 271 3.69 19.34 -5.04
C GLU A 271 3.53 19.26 -3.53
N HIS A 272 2.44 18.63 -3.05
CA HIS A 272 2.18 18.61 -1.62
C HIS A 272 3.08 17.61 -0.88
N ASN A 273 3.55 16.57 -1.57
CA ASN A 273 4.44 15.58 -1.01
C ASN A 273 5.91 15.97 -1.07
N GLU A 274 6.24 17.09 -1.73
CA GLU A 274 7.64 17.43 -2.03
C GLU A 274 8.31 16.29 -2.80
N GLY A 275 7.67 15.85 -3.88
CA GLY A 275 8.29 14.93 -4.81
C GLY A 275 7.61 13.56 -4.81
N ALA A 276 8.31 12.62 -5.45
CA ALA A 276 7.80 11.26 -5.63
C ALA A 276 7.57 10.57 -4.29
N GLY A 277 6.63 9.64 -4.29
CA GLY A 277 6.31 8.89 -3.10
C GLY A 277 5.17 7.93 -3.38
N LEU A 278 4.77 7.22 -2.34
CA LEU A 278 3.68 6.26 -2.47
C LEU A 278 2.35 6.99 -2.46
N GLN A 279 1.51 6.74 -3.47
CA GLN A 279 0.23 7.41 -3.56
C GLN A 279 -0.88 6.68 -2.80
N HIS A 280 -1.06 5.39 -3.06
CA HIS A 280 -2.10 4.71 -2.32
C HIS A 280 -1.82 3.23 -2.20
N LEU A 281 -2.49 2.63 -1.22
CA LEU A 281 -2.45 1.19 -0.95
C LEU A 281 -3.80 0.61 -1.29
N ALA A 282 -3.81 -0.47 -2.04
CA ALA A 282 -5.04 -1.17 -2.40
C ALA A 282 -5.16 -2.41 -1.54
N LEU A 283 -6.20 -2.46 -0.72
CA LEU A 283 -6.37 -3.48 0.30
C LEU A 283 -7.49 -4.41 -0.16
N MET A 284 -7.18 -5.70 -0.30
CA MET A 284 -8.19 -6.68 -0.70
C MET A 284 -9.10 -7.01 0.48
N SER A 285 -10.40 -7.04 0.21
CA SER A 285 -11.40 -7.45 1.17
C SER A 285 -11.99 -8.79 0.72
N GLU A 286 -12.23 -9.67 1.69
CA GLU A 286 -12.98 -10.90 1.39
C GLU A 286 -14.47 -10.64 1.27
N ASP A 287 -14.94 -9.44 1.57
CA ASP A 287 -16.36 -9.08 1.52
C ASP A 287 -16.46 -7.57 1.46
N ILE A 288 -16.33 -6.99 0.26
CA ILE A 288 -16.19 -5.54 0.18
C ILE A 288 -17.46 -4.84 0.64
N PHE A 289 -18.62 -5.49 0.57
CA PHE A 289 -19.82 -4.84 1.08
C PHE A 289 -19.76 -4.70 2.59
N ARG A 290 -19.31 -5.74 3.29
CA ARG A 290 -19.19 -5.64 4.74
C ARG A 290 -18.13 -4.61 5.11
N THR A 291 -16.99 -4.65 4.42
CA THR A 291 -15.91 -3.71 4.73
C THR A 291 -16.40 -2.28 4.61
N LEU A 292 -17.10 -1.95 3.53
CA LEU A 292 -17.51 -0.58 3.32
C LEU A 292 -18.62 -0.18 4.27
N ARG A 293 -19.56 -1.08 4.57
CA ARG A 293 -20.56 -0.75 5.59
C ARG A 293 -19.87 -0.39 6.90
N GLU A 294 -18.92 -1.20 7.33
CA GLU A 294 -18.27 -1.00 8.62
C GLU A 294 -17.40 0.27 8.60
N MET A 295 -16.66 0.49 7.51
CA MET A 295 -15.83 1.69 7.44
C MET A 295 -16.68 2.96 7.36
N ARG A 296 -17.79 2.92 6.59
CA ARG A 296 -18.61 4.12 6.48
C ARG A 296 -19.33 4.44 7.79
N LYS A 297 -19.68 3.41 8.58
CA LYS A 297 -20.27 3.65 9.90
C LYS A 297 -19.36 4.49 10.77
N ARG A 298 -18.05 4.41 10.55
CA ARG A 298 -17.08 5.03 11.44
C ARG A 298 -16.43 6.28 10.85
N SER A 299 -16.83 6.71 9.65
CA SER A 299 -16.15 7.83 8.99
C SER A 299 -16.12 9.09 9.86
N SER A 300 -17.25 9.41 10.50
CA SER A 300 -17.35 10.66 11.24
C SER A 300 -17.09 10.49 12.73
N ILE A 301 -16.68 9.28 13.16
CA ILE A 301 -16.35 9.03 14.55
C ILE A 301 -14.95 8.42 14.65
N GLY A 302 -14.01 8.99 13.89
CA GLY A 302 -12.60 8.70 14.02
C GLY A 302 -12.01 7.92 12.87
N GLY A 303 -12.84 7.40 11.97
CA GLY A 303 -12.39 6.55 10.87
C GLY A 303 -12.01 7.33 9.63
N PHE A 304 -12.26 6.73 8.47
CA PHE A 304 -11.84 7.30 7.20
C PHE A 304 -13.05 7.74 6.40
N ASP A 305 -12.88 8.81 5.64
CA ASP A 305 -13.88 9.31 4.73
C ASP A 305 -13.67 8.73 3.33
N PHE A 306 -14.75 8.72 2.54
CA PHE A 306 -14.66 8.20 1.18
C PHE A 306 -14.91 9.31 0.17
N MET A 307 -14.32 9.13 -1.01
CA MET A 307 -14.51 9.99 -2.17
C MET A 307 -16.01 10.10 -2.46
N PRO A 308 -16.47 11.18 -3.11
CA PRO A 308 -17.90 11.29 -3.41
C PRO A 308 -18.34 10.18 -4.36
N SER A 309 -19.55 9.70 -4.14
CA SER A 309 -20.03 8.56 -4.91
C SER A 309 -20.31 8.97 -6.35
N PRO A 310 -20.20 8.05 -7.30
CA PRO A 310 -20.58 8.35 -8.69
C PRO A 310 -22.09 8.56 -8.78
N PRO A 311 -22.56 9.27 -9.81
CA PRO A 311 -23.99 9.59 -9.91
C PRO A 311 -24.82 8.32 -10.11
N PRO A 312 -26.12 8.38 -9.86
CA PRO A 312 -26.96 7.19 -10.04
C PRO A 312 -26.93 6.64 -11.46
N THR A 313 -26.72 7.51 -12.45
CA THR A 313 -26.64 7.06 -13.84
C THR A 313 -25.47 6.09 -14.05
N TYR A 314 -24.38 6.27 -13.29
CA TYR A 314 -23.30 5.29 -13.33
C TYR A 314 -23.83 3.90 -12.99
N TYR A 315 -24.69 3.82 -11.98
CA TYR A 315 -25.22 2.52 -11.57
C TYR A 315 -26.34 2.05 -12.49
N GLN A 316 -27.11 2.99 -13.05
CA GLN A 316 -28.01 2.63 -14.14
C GLN A 316 -27.26 1.95 -15.28
N ASN A 317 -26.07 2.46 -15.61
CA ASN A 317 -25.25 1.89 -16.68
C ASN A 317 -24.52 0.62 -16.26
N LEU A 318 -24.65 0.18 -15.01
CA LEU A 318 -23.92 -1.00 -14.55
C LEU A 318 -24.54 -2.29 -15.05
N LYS A 319 -25.86 -2.31 -15.24
CA LYS A 319 -26.54 -3.53 -15.68
C LYS A 319 -26.00 -3.99 -17.03
N LYS A 320 -25.83 -3.05 -17.97
CA LYS A 320 -25.35 -3.42 -19.30
C LYS A 320 -23.93 -3.97 -19.25
N ARG A 321 -23.12 -3.53 -18.28
CA ARG A 321 -21.71 -3.88 -18.25
C ARG A 321 -21.41 -5.11 -17.41
N VAL A 322 -22.07 -5.29 -16.27
CA VAL A 322 -21.71 -6.37 -15.35
C VAL A 322 -22.96 -7.08 -14.84
N GLY A 323 -24.09 -6.88 -15.54
CA GLY A 323 -25.33 -7.56 -15.16
C GLY A 323 -25.25 -9.06 -15.20
N ASP A 324 -24.23 -9.62 -15.86
CA ASP A 324 -23.98 -11.06 -15.84
C ASP A 324 -23.10 -11.50 -14.68
N VAL A 325 -22.55 -10.55 -13.92
CA VAL A 325 -21.72 -10.86 -12.77
C VAL A 325 -22.38 -10.48 -11.45
N LEU A 326 -23.15 -9.40 -11.42
CA LEU A 326 -23.82 -8.95 -10.22
C LEU A 326 -25.33 -8.94 -10.43
N SER A 327 -26.05 -9.35 -9.39
CA SER A 327 -27.50 -9.27 -9.43
C SER A 327 -27.95 -7.80 -9.31
N ASP A 328 -29.23 -7.58 -9.57
CA ASP A 328 -29.80 -6.25 -9.35
C ASP A 328 -29.59 -5.80 -7.92
N ASP A 329 -29.77 -6.73 -6.97
CA ASP A 329 -29.60 -6.38 -5.56
C ASP A 329 -28.14 -6.08 -5.24
N GLN A 330 -27.24 -6.94 -5.71
CA GLN A 330 -25.81 -6.71 -5.53
C GLN A 330 -25.38 -5.40 -6.20
N ILE A 331 -26.03 -5.03 -7.31
CA ILE A 331 -25.75 -3.75 -7.93
C ILE A 331 -26.30 -2.60 -7.10
N LYS A 332 -27.52 -2.74 -6.58
CA LYS A 332 -28.08 -1.72 -5.71
C LYS A 332 -27.22 -1.53 -4.46
N GLU A 333 -26.67 -2.63 -3.94
CA GLU A 333 -25.76 -2.55 -2.80
C GLU A 333 -24.49 -1.79 -3.17
N CYS A 334 -23.98 -2.00 -4.39
CA CYS A 334 -22.86 -1.17 -4.86
C CYS A 334 -23.24 0.30 -4.85
N GLU A 335 -24.46 0.64 -5.28
CA GLU A 335 -24.85 2.04 -5.31
C GLU A 335 -24.98 2.62 -3.91
N GLU A 336 -25.46 1.83 -2.96
CA GLU A 336 -25.61 2.34 -1.59
C GLU A 336 -24.25 2.71 -1.00
N LEU A 337 -23.23 1.89 -1.28
CA LEU A 337 -21.92 2.05 -0.67
C LEU A 337 -20.96 2.87 -1.52
N GLY A 338 -21.38 3.29 -2.71
CA GLY A 338 -20.53 4.08 -3.59
C GLY A 338 -19.44 3.30 -4.28
N ILE A 339 -19.62 1.99 -4.46
CA ILE A 339 -18.60 1.13 -5.04
C ILE A 339 -18.53 1.33 -6.54
N LEU A 340 -17.30 1.33 -7.07
CA LEU A 340 -17.01 1.39 -8.51
C LEU A 340 -16.77 -0.02 -9.02
N VAL A 341 -17.20 -0.28 -10.26
CA VAL A 341 -17.06 -1.61 -10.86
C VAL A 341 -16.37 -1.46 -12.21
N ASP A 342 -15.30 -2.21 -12.41
CA ASP A 342 -14.65 -2.29 -13.71
C ASP A 342 -14.48 -3.76 -14.06
N ARG A 343 -14.08 -3.99 -15.32
CA ARG A 343 -14.02 -5.35 -15.83
C ARG A 343 -13.05 -5.37 -17.01
N ASP A 344 -12.13 -6.35 -17.01
CA ASP A 344 -11.34 -6.63 -18.20
C ASP A 344 -11.90 -7.88 -18.86
N ASP A 345 -11.06 -8.69 -19.51
CA ASP A 345 -11.53 -9.89 -20.19
C ASP A 345 -11.39 -11.14 -19.34
N GLN A 346 -10.83 -11.05 -18.14
CA GLN A 346 -10.66 -12.20 -17.27
C GLN A 346 -11.44 -12.10 -15.97
N GLY A 347 -11.75 -10.90 -15.50
CA GLY A 347 -12.44 -10.78 -14.23
C GLY A 347 -13.05 -9.40 -14.04
N THR A 348 -13.69 -9.24 -12.88
CA THR A 348 -14.40 -8.02 -12.51
C THR A 348 -13.74 -7.44 -11.26
N LEU A 349 -13.68 -6.11 -11.20
CA LEU A 349 -13.03 -5.39 -10.10
C LEU A 349 -14.07 -4.50 -9.41
N LEU A 350 -14.27 -4.71 -8.12
CA LEU A 350 -15.02 -3.80 -7.27
C LEU A 350 -14.03 -2.94 -6.47
N GLN A 351 -14.22 -1.63 -6.46
CA GLN A 351 -13.23 -0.74 -5.83
C GLN A 351 -13.89 0.51 -5.25
N ILE A 352 -13.19 1.13 -4.31
CA ILE A 352 -13.59 2.43 -3.78
C ILE A 352 -12.35 3.08 -3.18
N PHE A 353 -12.34 4.40 -3.15
CA PHE A 353 -11.19 5.17 -2.70
C PHE A 353 -11.56 6.02 -1.49
N THR A 354 -10.67 6.05 -0.49
CA THR A 354 -10.83 6.96 0.61
C THR A 354 -10.33 8.35 0.24
N LYS A 355 -10.77 9.35 1.02
CA LYS A 355 -10.12 10.64 1.04
C LYS A 355 -8.73 10.48 1.64
N PRO A 356 -7.85 11.48 1.50
CA PRO A 356 -6.49 11.35 2.03
C PRO A 356 -6.48 10.97 3.50
N LEU A 357 -5.48 10.15 3.86
CA LEU A 357 -5.41 9.58 5.21
C LEU A 357 -4.99 10.60 6.25
N GLY A 358 -4.35 11.68 5.83
CA GLY A 358 -3.85 12.67 6.78
C GLY A 358 -4.03 14.09 6.29
N ASP A 359 -3.19 15.00 6.79
CA ASP A 359 -3.41 16.42 6.52
C ASP A 359 -3.24 16.76 5.04
N ARG A 360 -2.28 16.12 4.37
CA ARG A 360 -1.96 16.53 3.01
C ARG A 360 -2.75 15.71 2.00
N PRO A 361 -3.05 16.32 0.83
CA PRO A 361 -3.74 15.59 -0.25
C PRO A 361 -2.79 14.67 -1.00
N THR A 362 -2.25 13.69 -0.29
CA THR A 362 -1.20 12.85 -0.82
C THR A 362 -1.68 11.39 -0.76
N ILE A 363 -1.37 10.69 0.32
CA ILE A 363 -1.65 9.26 0.40
C ILE A 363 -3.12 9.02 0.73
N PHE A 364 -3.69 7.97 0.13
CA PHE A 364 -5.04 7.50 0.47
C PHE A 364 -5.06 5.97 0.36
N ILE A 365 -6.24 5.38 0.53
CA ILE A 365 -6.40 3.94 0.51
C ILE A 365 -7.50 3.58 -0.48
N GLU A 366 -7.33 2.45 -1.13
CA GLU A 366 -8.36 1.86 -1.97
C GLU A 366 -8.76 0.53 -1.35
N ILE A 367 -10.06 0.24 -1.32
CA ILE A 367 -10.55 -1.09 -0.96
C ILE A 367 -10.98 -1.76 -2.25
N ILE A 368 -10.63 -3.04 -2.41
CA ILE A 368 -10.96 -3.77 -3.63
C ILE A 368 -11.39 -5.20 -3.30
N GLN A 369 -12.13 -5.78 -4.24
CA GLN A 369 -12.38 -7.21 -4.26
C GLN A 369 -12.46 -7.62 -5.72
N ARG A 370 -11.86 -8.76 -6.03
CA ARG A 370 -11.74 -9.23 -7.41
C ARG A 370 -12.59 -10.48 -7.60
N VAL A 371 -13.23 -10.57 -8.77
CA VAL A 371 -14.13 -11.67 -9.11
C VAL A 371 -13.63 -12.31 -10.40
N GLY A 372 -13.27 -13.58 -10.34
CA GLY A 372 -12.91 -14.34 -11.52
C GLY A 372 -11.52 -14.95 -11.40
N CYS A 373 -10.99 -15.38 -12.55
CA CYS A 373 -9.62 -15.89 -12.68
C CYS A 373 -9.31 -16.96 -11.63
N MET A 374 -10.22 -17.88 -11.43
CA MET A 374 -9.92 -18.94 -10.52
C MET A 374 -9.22 -20.08 -11.21
N MET A 375 -8.60 -20.85 -10.36
CA MET A 375 -8.02 -22.05 -10.77
C MET A 375 -7.45 -22.61 -9.52
N TYR A 383 -7.30 -21.19 -6.61
CA TYR A 383 -6.84 -19.86 -6.23
C TYR A 383 -7.15 -18.83 -7.32
N GLN A 384 -7.00 -17.55 -6.97
CA GLN A 384 -7.24 -16.45 -7.90
C GLN A 384 -5.90 -15.92 -8.38
N SER A 385 -5.77 -15.75 -9.70
CA SER A 385 -4.54 -15.23 -10.24
C SER A 385 -4.45 -13.73 -9.95
N GLY A 386 -3.22 -13.22 -9.93
CA GLY A 386 -2.99 -11.84 -9.55
C GLY A 386 -3.55 -10.84 -10.55
N GLY A 387 -4.06 -9.73 -10.03
CA GLY A 387 -4.53 -8.67 -10.90
C GLY A 387 -5.81 -8.96 -11.63
N CYS A 388 -6.55 -9.99 -11.20
CA CYS A 388 -7.81 -10.36 -11.86
C CYS A 388 -8.76 -9.20 -11.99
N GLY A 389 -9.02 -8.75 -13.22
CA GLY A 389 -9.90 -7.62 -13.46
C GLY A 389 -9.17 -6.32 -13.71
N GLY A 390 -7.86 -6.29 -13.49
CA GLY A 390 -7.07 -5.12 -13.80
C GLY A 390 -6.96 -4.15 -12.65
N PHE A 391 -6.88 -2.86 -12.97
CA PHE A 391 -6.65 -1.85 -11.96
C PHE A 391 -7.61 -0.67 -12.11
N GLY A 392 -8.64 -0.79 -12.94
CA GLY A 392 -9.61 0.25 -13.11
C GLY A 392 -9.38 1.16 -14.29
N LYS A 393 -8.71 0.69 -15.35
CA LYS A 393 -8.44 1.55 -16.50
C LYS A 393 -9.73 2.07 -17.13
N GLY A 394 -10.81 1.31 -17.06
CA GLY A 394 -12.05 1.68 -17.70
C GLY A 394 -12.97 2.57 -16.91
N ASN A 395 -12.61 2.92 -15.67
CA ASN A 395 -13.50 3.70 -14.82
C ASN A 395 -13.37 5.20 -15.04
N PHE A 396 -12.31 5.66 -15.73
CA PHE A 396 -12.22 7.08 -16.07
C PHE A 396 -13.29 7.45 -17.08
N SER A 397 -13.34 6.74 -18.21
CA SER A 397 -14.30 7.07 -19.26
C SER A 397 -15.73 6.74 -18.83
N GLU A 398 -15.90 5.66 -18.05
CA GLU A 398 -17.23 5.34 -17.54
C GLU A 398 -17.73 6.40 -16.58
N LEU A 399 -16.83 7.07 -15.87
CA LEU A 399 -17.21 8.11 -14.92
C LEU A 399 -17.62 9.40 -15.64
N PHE A 400 -16.80 9.85 -16.60
CA PHE A 400 -17.13 11.04 -17.37
C PHE A 400 -18.42 10.82 -18.15
N LYS A 401 -18.48 9.76 -18.96
CA LYS A 401 -19.70 9.36 -19.65
C LYS A 401 -20.67 8.73 -18.64
N SER A 402 -21.18 9.59 -17.77
CA SER A 402 -22.03 9.25 -16.65
C SER A 402 -22.32 10.54 -15.90
N ILE A 403 -21.33 11.45 -15.95
CA ILE A 403 -21.47 12.81 -15.45
C ILE A 403 -22.19 13.64 -16.50
N GLU A 404 -22.68 12.99 -17.56
CA GLU A 404 -23.68 13.56 -18.43
C GLU A 404 -25.08 13.53 -17.81
N GLU A 405 -25.22 12.94 -16.63
CA GLU A 405 -26.45 13.04 -15.85
C GLU A 405 -26.82 14.48 -15.55
N TYR A 406 -25.93 15.44 -15.81
CA TYR A 406 -26.27 16.84 -15.67
C TYR A 406 -27.57 17.16 -16.38
N GLU A 407 -27.72 16.69 -17.61
CA GLU A 407 -28.95 16.91 -18.37
C GLU A 407 -30.13 16.22 -17.69
N LYS A 408 -30.07 14.89 -17.62
CA LYS A 408 -31.11 14.03 -17.05
C LYS A 408 -31.96 14.66 -15.94
CO CO B . -5.33 1.18 -7.90
C1 PPY C . -2.82 2.66 -11.41
O1 PPY C . -1.65 3.04 -11.64
O2 PPY C . -3.17 1.49 -11.73
C2 PPY C . -3.83 3.58 -10.73
O3 PPY C . -4.95 3.24 -10.73
C3 PPY C . -3.32 4.87 -10.07
C1' PPY C . -4.37 5.96 -9.77
C2' PPY C . -5.72 5.69 -9.58
C3' PPY C . -6.62 6.70 -9.30
C4' PPY C . -6.20 8.01 -9.21
C5' PPY C . -4.85 8.30 -9.39
C6' PPY C . -3.95 7.29 -9.67
#